data_2BND
#
_entry.id   2BND
#
_cell.length_a   140.434
_cell.length_b   140.434
_cell.length_c   59.993
_cell.angle_alpha   90.00
_cell.angle_beta   90.00
_cell.angle_gamma   120.00
#
_symmetry.space_group_name_H-M   'H 3'
#
loop_
_entity.id
_entity.type
_entity.pdbx_description
1 polymer 'URIDYLATE KINASE'
2 non-polymer "URIDINE-5'-DIPHOSPHATE"
3 non-polymer GLYCEROL
4 non-polymer 'PYROPHOSPHATE 2-'
5 water water
#
_entity_poly.entity_id   1
_entity_poly.type   'polypeptide(L)'
_entity_poly.pdbx_seq_one_letter_code
;MATNAKPVYKRILLKLSGEALQGTEGFGIDASILDRMAQEIKELVELGIQVGVVIGGGNLFRGAGLAKAGMNRVVGDHMG
MLATVMNGLAMRDALHRAYVNARLMSAIPLNAVCDSYSWAEAISLLRNNRVVILSAGTGNPFFTTDSAACLRGIEIEANV
VLKATKVDGVFTADPAKDPTATMYEQLTYSEVLEKELKVMDLAAFTLARDHKLPIRVFNMNKPGALRRVVMGEKEGTLIT
E
;
_entity_poly.pdbx_strand_id   A,B
#
# COMPACT_ATOMS: atom_id res chain seq x y z
N ALA A 5 11.59 -37.34 16.53
CA ALA A 5 11.08 -35.97 16.89
C ALA A 5 10.66 -35.19 15.65
N LYS A 6 9.69 -35.72 14.91
CA LYS A 6 9.20 -35.06 13.71
C LYS A 6 8.01 -34.12 14.00
N PRO A 7 7.62 -33.30 13.01
CA PRO A 7 6.52 -32.35 13.16
C PRO A 7 5.18 -32.99 13.51
N VAL A 8 4.33 -32.23 14.20
CA VAL A 8 3.03 -32.72 14.62
C VAL A 8 1.88 -32.06 13.87
N TYR A 9 2.20 -31.37 12.77
CA TYR A 9 1.19 -30.70 11.96
C TYR A 9 1.57 -30.93 10.51
N LYS A 10 0.58 -31.13 9.65
CA LYS A 10 0.85 -31.37 8.23
C LYS A 10 0.65 -30.10 7.42
N ARG A 11 -0.43 -29.40 7.73
CA ARG A 11 -0.76 -28.15 7.05
C ARG A 11 -1.17 -27.14 8.12
N ILE A 12 -0.59 -25.96 8.06
CA ILE A 12 -0.88 -24.92 9.03
C ILE A 12 -1.22 -23.59 8.37
N LEU A 13 -1.91 -22.73 9.09
CA LEU A 13 -2.22 -21.41 8.56
C LEU A 13 -1.52 -20.41 9.46
N LEU A 14 -0.47 -19.82 8.92
CA LEU A 14 0.33 -18.85 9.62
C LEU A 14 -0.24 -17.46 9.52
N LYS A 15 -0.67 -16.92 10.64
CA LYS A 15 -1.23 -15.58 10.68
C LYS A 15 -0.12 -14.62 11.10
N LEU A 16 0.30 -13.78 10.17
CA LEU A 16 1.35 -12.80 10.43
C LEU A 16 0.73 -11.42 10.45
N SER A 17 0.71 -10.79 11.62
CA SER A 17 0.16 -9.45 11.73
C SER A 17 1.10 -8.47 11.04
N GLY A 18 0.58 -7.29 10.70
CA GLY A 18 1.40 -6.29 10.04
C GLY A 18 2.58 -5.86 10.88
N GLU A 19 2.35 -5.61 12.16
CA GLU A 19 3.40 -5.19 13.09
C GLU A 19 4.66 -6.04 12.95
N ALA A 20 4.48 -7.35 12.86
CA ALA A 20 5.59 -8.29 12.75
C ALA A 20 6.65 -7.87 11.75
N LEU A 21 6.25 -7.20 10.66
CA LEU A 21 7.18 -6.76 9.63
C LEU A 21 7.80 -5.38 9.92
N GLN A 22 7.21 -4.66 10.87
CA GLN A 22 7.67 -3.32 11.26
C GLN A 22 9.11 -3.25 11.73
N GLY A 23 9.84 -2.26 11.22
CA GLY A 23 11.21 -2.09 11.64
C GLY A 23 11.28 -1.58 13.07
N THR A 24 11.92 -0.44 13.26
CA THR A 24 12.05 0.15 14.58
C THR A 24 11.38 1.51 14.63
N GLU A 25 11.10 2.07 13.46
CA GLU A 25 10.44 3.38 13.37
C GLU A 25 8.95 3.25 13.66
N GLY A 26 8.45 2.02 13.61
CA GLY A 26 7.04 1.78 13.88
C GLY A 26 6.20 1.58 12.64
N PHE A 27 6.75 1.93 11.47
CA PHE A 27 6.02 1.79 10.22
C PHE A 27 6.79 1.01 9.16
N GLY A 28 6.20 0.92 7.98
CA GLY A 28 6.83 0.23 6.87
C GLY A 28 7.23 -1.21 7.08
N ILE A 29 8.23 -1.64 6.30
CA ILE A 29 8.74 -2.99 6.35
C ILE A 29 10.23 -3.00 6.64
N ASP A 30 10.68 -3.99 7.39
CA ASP A 30 12.10 -4.08 7.69
C ASP A 30 12.69 -5.30 6.99
N ALA A 31 13.43 -5.04 5.93
CA ALA A 31 14.06 -6.09 5.14
C ALA A 31 14.64 -7.21 6.00
N SER A 32 15.37 -6.85 7.05
CA SER A 32 15.98 -7.85 7.92
C SER A 32 14.96 -8.83 8.50
N ILE A 33 13.84 -8.33 9.01
CA ILE A 33 12.83 -9.20 9.60
C ILE A 33 12.29 -10.18 8.56
N LEU A 34 11.87 -9.66 7.41
CA LEU A 34 11.33 -10.52 6.35
C LEU A 34 12.24 -11.70 6.07
N ASP A 35 13.51 -11.41 5.86
CA ASP A 35 14.51 -12.42 5.57
C ASP A 35 14.56 -13.51 6.64
N ARG A 36 14.42 -13.12 7.89
CA ARG A 36 14.45 -14.09 8.97
C ARG A 36 13.21 -14.98 8.94
N MET A 37 12.05 -14.39 8.67
CA MET A 37 10.83 -15.18 8.63
C MET A 37 10.87 -16.14 7.45
N ALA A 38 11.52 -15.71 6.38
CA ALA A 38 11.64 -16.53 5.19
C ALA A 38 12.46 -17.78 5.51
N GLN A 39 13.55 -17.61 6.27
CA GLN A 39 14.39 -18.74 6.64
C GLN A 39 13.61 -19.74 7.50
N GLU A 40 12.79 -19.22 8.42
CA GLU A 40 12.00 -20.07 9.29
C GLU A 40 10.90 -20.81 8.51
N ILE A 41 10.18 -20.08 7.66
CA ILE A 41 9.14 -20.67 6.86
C ILE A 41 9.80 -21.74 5.98
N LYS A 42 10.96 -21.40 5.42
CA LYS A 42 11.71 -22.32 4.58
C LYS A 42 11.95 -23.65 5.30
N GLU A 43 12.43 -23.56 6.54
CA GLU A 43 12.69 -24.77 7.32
C GLU A 43 11.45 -25.64 7.45
N LEU A 44 10.28 -24.99 7.60
CA LEU A 44 9.03 -25.74 7.73
C LEU A 44 8.70 -26.48 6.43
N VAL A 45 8.88 -25.80 5.31
CA VAL A 45 8.60 -26.43 4.03
C VAL A 45 9.56 -27.60 3.81
N GLU A 46 10.83 -27.41 4.14
CA GLU A 46 11.80 -28.48 3.98
C GLU A 46 11.38 -29.65 4.84
N LEU A 47 10.77 -29.32 5.99
CA LEU A 47 10.32 -30.31 6.95
C LEU A 47 9.06 -31.03 6.48
N GLY A 48 8.62 -30.73 5.26
CA GLY A 48 7.44 -31.35 4.71
C GLY A 48 6.12 -30.72 5.09
N ILE A 49 6.16 -29.56 5.73
CA ILE A 49 4.94 -28.89 6.15
C ILE A 49 4.34 -28.00 5.07
N GLN A 50 3.03 -28.08 4.88
CA GLN A 50 2.37 -27.27 3.87
C GLN A 50 1.94 -25.97 4.56
N VAL A 51 2.50 -24.86 4.11
CA VAL A 51 2.26 -23.56 4.72
C VAL A 51 1.42 -22.52 3.98
N GLY A 52 0.35 -22.08 4.65
CA GLY A 52 -0.52 -21.05 4.13
C GLY A 52 -0.32 -19.87 5.05
N VAL A 53 -0.09 -18.67 4.51
CA VAL A 53 0.14 -17.51 5.36
C VAL A 53 -0.74 -16.30 5.07
N VAL A 54 -1.50 -15.87 6.08
CA VAL A 54 -2.37 -14.69 5.96
C VAL A 54 -1.66 -13.51 6.64
N ILE A 55 -1.36 -12.46 5.90
CA ILE A 55 -0.67 -11.30 6.47
C ILE A 55 -1.55 -10.08 6.68
N GLY A 56 -1.30 -9.36 7.77
CA GLY A 56 -2.06 -8.17 8.09
C GLY A 56 -1.51 -6.91 7.47
N GLY A 57 -1.94 -5.76 8.00
CA GLY A 57 -1.49 -4.48 7.45
C GLY A 57 -1.28 -3.37 8.45
N GLY A 58 -1.31 -3.72 9.73
CA GLY A 58 -1.14 -2.74 10.80
C GLY A 58 0.08 -1.84 10.72
N ASN A 59 1.11 -2.30 10.02
CA ASN A 59 2.34 -1.51 9.87
C ASN A 59 2.14 -0.41 8.82
N LEU A 60 1.06 -0.51 8.05
CA LEU A 60 0.77 0.51 7.04
C LEU A 60 -0.54 1.24 7.30
N PHE A 61 -1.65 0.53 7.25
CA PHE A 61 -2.96 1.15 7.45
C PHE A 61 -4.01 0.24 8.07
N ARG A 62 -4.95 0.87 8.76
CA ARG A 62 -6.08 0.17 9.36
C ARG A 62 -7.28 1.03 9.00
N GLY A 63 -8.30 0.39 8.44
CA GLY A 63 -9.50 1.12 8.06
C GLY A 63 -10.10 1.97 9.16
N ALA A 64 -10.18 1.44 10.36
CA ALA A 64 -10.76 2.18 11.46
C ALA A 64 -10.00 3.49 11.68
N GLY A 65 -8.69 3.39 11.81
CA GLY A 65 -7.88 4.57 12.04
C GLY A 65 -8.10 5.66 11.00
N LEU A 66 -8.20 5.27 9.73
CA LEU A 66 -8.41 6.22 8.66
C LEU A 66 -9.80 6.82 8.78
N ALA A 67 -10.77 5.96 9.05
CA ALA A 67 -12.15 6.41 9.19
C ALA A 67 -12.21 7.55 10.22
N LYS A 68 -11.49 7.39 11.33
CA LYS A 68 -11.47 8.42 12.36
C LYS A 68 -10.91 9.74 11.85
N ALA A 69 -9.98 9.68 10.91
CA ALA A 69 -9.41 10.89 10.35
C ALA A 69 -10.42 11.56 9.42
N GLY A 70 -11.58 10.93 9.23
CA GLY A 70 -12.62 11.50 8.39
C GLY A 70 -12.98 10.77 7.10
N MET A 71 -12.09 9.87 6.67
CA MET A 71 -12.28 9.09 5.45
C MET A 71 -13.40 8.05 5.58
N ASN A 72 -14.03 7.70 4.46
CA ASN A 72 -15.10 6.69 4.45
C ASN A 72 -14.59 5.36 5.00
N ARG A 73 -15.40 4.73 5.84
CA ARG A 73 -14.96 3.47 6.40
C ARG A 73 -14.63 2.42 5.34
N VAL A 74 -15.51 2.25 4.36
CA VAL A 74 -15.27 1.25 3.32
C VAL A 74 -13.97 1.47 2.58
N VAL A 75 -13.69 2.72 2.20
CA VAL A 75 -12.46 3.00 1.50
C VAL A 75 -11.27 2.81 2.43
N GLY A 76 -11.47 3.09 3.71
CA GLY A 76 -10.39 2.89 4.64
C GLY A 76 -10.01 1.42 4.65
N ASP A 77 -11.02 0.56 4.81
CA ASP A 77 -10.79 -0.88 4.83
C ASP A 77 -10.25 -1.38 3.50
N HIS A 78 -10.50 -0.64 2.41
CA HIS A 78 -10.00 -1.06 1.12
C HIS A 78 -8.48 -0.82 1.13
N MET A 79 -8.08 0.41 1.40
CA MET A 79 -6.67 0.75 1.46
C MET A 79 -5.94 -0.19 2.43
N GLY A 80 -6.60 -0.49 3.55
CA GLY A 80 -6.00 -1.39 4.52
C GLY A 80 -5.79 -2.75 3.90
N MET A 81 -6.73 -3.19 3.08
CA MET A 81 -6.60 -4.48 2.44
C MET A 81 -5.43 -4.42 1.46
N LEU A 82 -5.39 -3.37 0.65
CA LEU A 82 -4.31 -3.22 -0.31
C LEU A 82 -3.00 -3.31 0.42
N ALA A 83 -2.99 -2.85 1.67
CA ALA A 83 -1.78 -2.89 2.46
C ALA A 83 -1.37 -4.35 2.71
N THR A 84 -2.33 -5.19 3.09
CA THR A 84 -2.01 -6.60 3.32
C THR A 84 -1.33 -7.13 2.07
N VAL A 85 -1.86 -6.76 0.91
CA VAL A 85 -1.28 -7.18 -0.37
C VAL A 85 0.15 -6.63 -0.49
N MET A 86 0.33 -5.36 -0.13
CA MET A 86 1.68 -4.77 -0.19
C MET A 86 2.65 -5.54 0.68
N ASN A 87 2.17 -6.08 1.80
CA ASN A 87 3.04 -6.88 2.67
C ASN A 87 3.32 -8.22 2.00
N GLY A 88 2.27 -8.87 1.53
CA GLY A 88 2.42 -10.15 0.86
C GLY A 88 3.50 -10.08 -0.20
N LEU A 89 3.51 -9.00 -0.96
CA LEU A 89 4.51 -8.79 -2.00
C LEU A 89 5.89 -8.92 -1.37
N ALA A 90 6.08 -8.23 -0.24
CA ALA A 90 7.35 -8.25 0.46
C ALA A 90 7.65 -9.64 0.98
N MET A 91 6.68 -10.28 1.62
CA MET A 91 6.92 -11.62 2.14
C MET A 91 7.30 -12.59 1.01
N ARG A 92 6.53 -12.56 -0.09
CA ARG A 92 6.81 -13.43 -1.23
C ARG A 92 8.21 -13.23 -1.77
N ASP A 93 8.60 -11.98 -1.99
CA ASP A 93 9.92 -11.72 -2.51
C ASP A 93 10.99 -12.34 -1.62
N ALA A 94 10.86 -12.12 -0.32
CA ALA A 94 11.81 -12.67 0.64
C ALA A 94 11.87 -14.19 0.45
N LEU A 95 10.71 -14.83 0.36
CA LEU A 95 10.65 -16.28 0.17
C LEU A 95 11.39 -16.69 -1.10
N HIS A 96 11.16 -15.94 -2.17
CA HIS A 96 11.79 -16.22 -3.43
C HIS A 96 13.31 -16.05 -3.33
N ARG A 97 13.77 -14.92 -2.80
CA ARG A 97 15.20 -14.70 -2.69
C ARG A 97 15.87 -15.77 -1.85
N ALA A 98 15.11 -16.39 -0.97
CA ALA A 98 15.64 -17.46 -0.13
C ALA A 98 15.40 -18.81 -0.82
N TYR A 99 15.02 -18.75 -2.09
CA TYR A 99 14.79 -19.93 -2.90
C TYR A 99 13.73 -20.86 -2.35
N VAL A 100 12.64 -20.27 -1.84
CA VAL A 100 11.53 -21.05 -1.34
C VAL A 100 10.39 -20.84 -2.34
N ASN A 101 9.81 -21.94 -2.81
CA ASN A 101 8.70 -21.87 -3.75
C ASN A 101 7.49 -21.27 -3.03
N ALA A 102 6.98 -20.16 -3.54
CA ALA A 102 5.82 -19.49 -2.94
C ALA A 102 5.02 -18.73 -3.99
N ARG A 103 3.79 -18.39 -3.64
CA ARG A 103 2.90 -17.65 -4.54
C ARG A 103 1.93 -16.79 -3.77
N LEU A 104 1.75 -15.57 -4.23
CA LEU A 104 0.84 -14.63 -3.60
C LEU A 104 -0.51 -14.66 -4.32
N MET A 105 -1.57 -14.75 -3.53
CA MET A 105 -2.92 -14.75 -4.08
C MET A 105 -3.64 -13.61 -3.35
N SER A 106 -4.55 -12.94 -4.02
CA SER A 106 -5.27 -11.86 -3.37
C SER A 106 -6.78 -11.98 -3.48
N ALA A 107 -7.45 -11.71 -2.37
CA ALA A 107 -8.91 -11.76 -2.30
C ALA A 107 -9.44 -10.65 -3.21
N ILE A 108 -8.64 -9.61 -3.38
CA ILE A 108 -8.98 -8.49 -4.23
C ILE A 108 -8.16 -8.67 -5.50
N PRO A 109 -8.80 -9.18 -6.56
CA PRO A 109 -8.20 -9.44 -7.88
C PRO A 109 -7.20 -8.35 -8.26
N LEU A 110 -5.92 -8.73 -8.36
CA LEU A 110 -4.87 -7.77 -8.68
C LEU A 110 -3.97 -8.25 -9.81
N ASN A 111 -4.57 -8.44 -10.98
CA ASN A 111 -3.87 -8.91 -12.17
C ASN A 111 -2.48 -8.27 -12.34
N ALA A 112 -1.49 -9.12 -12.66
CA ALA A 112 -0.10 -8.73 -12.89
C ALA A 112 0.84 -8.94 -11.70
N VAL A 113 0.56 -8.26 -10.59
CA VAL A 113 1.39 -8.36 -9.40
C VAL A 113 1.35 -9.77 -8.82
N CYS A 114 0.15 -10.35 -8.81
CA CYS A 114 -0.04 -11.70 -8.29
C CYS A 114 -1.32 -12.22 -8.92
N ASP A 115 -1.70 -13.46 -8.59
CA ASP A 115 -2.96 -13.99 -9.13
C ASP A 115 -4.02 -13.83 -8.06
N SER A 116 -5.27 -14.04 -8.43
CA SER A 116 -6.36 -13.91 -7.46
C SER A 116 -6.59 -15.18 -6.68
N TYR A 117 -7.09 -15.03 -5.45
CA TYR A 117 -7.32 -16.17 -4.60
C TYR A 117 -8.26 -17.18 -5.23
N SER A 118 -7.78 -18.41 -5.31
CA SER A 118 -8.55 -19.53 -5.86
C SER A 118 -8.36 -20.73 -4.97
N TRP A 119 -9.36 -21.02 -4.15
CA TRP A 119 -9.34 -22.15 -3.24
C TRP A 119 -8.80 -23.41 -3.91
N ALA A 120 -9.23 -23.67 -5.13
CA ALA A 120 -8.79 -24.85 -5.85
C ALA A 120 -7.29 -24.82 -6.06
N GLU A 121 -6.81 -23.82 -6.78
CA GLU A 121 -5.39 -23.69 -7.05
C GLU A 121 -4.62 -23.61 -5.73
N ALA A 122 -5.20 -22.96 -4.74
CA ALA A 122 -4.56 -22.83 -3.44
C ALA A 122 -4.19 -24.21 -2.90
N ILE A 123 -5.17 -25.10 -2.86
CA ILE A 123 -4.99 -26.45 -2.36
C ILE A 123 -3.99 -27.20 -3.23
N SER A 124 -4.12 -27.08 -4.54
CA SER A 124 -3.22 -27.77 -5.44
C SER A 124 -1.80 -27.34 -5.09
N LEU A 125 -1.61 -26.02 -4.96
CA LEU A 125 -0.31 -25.45 -4.63
C LEU A 125 0.18 -25.99 -3.29
N LEU A 126 -0.73 -26.05 -2.31
CA LEU A 126 -0.36 -26.56 -0.99
C LEU A 126 0.12 -28.01 -1.09
N ARG A 127 -0.61 -28.82 -1.85
CA ARG A 127 -0.26 -30.23 -2.03
C ARG A 127 1.04 -30.37 -2.85
N ASN A 128 1.57 -29.24 -3.31
CA ASN A 128 2.81 -29.28 -4.07
C ASN A 128 3.97 -28.63 -3.33
N ASN A 129 3.84 -28.54 -2.02
CA ASN A 129 4.89 -27.97 -1.19
C ASN A 129 5.29 -26.53 -1.53
N ARG A 130 4.30 -25.68 -1.79
CA ARG A 130 4.58 -24.29 -2.09
C ARG A 130 3.88 -23.44 -1.06
N VAL A 131 4.57 -22.38 -0.62
CA VAL A 131 3.98 -21.51 0.36
C VAL A 131 2.93 -20.68 -0.35
N VAL A 132 1.73 -20.62 0.22
CA VAL A 132 0.65 -19.86 -0.38
C VAL A 132 0.31 -18.68 0.51
N ILE A 133 0.55 -17.47 0.00
CA ILE A 133 0.28 -16.25 0.74
C ILE A 133 -1.11 -15.73 0.36
N LEU A 134 -1.97 -15.55 1.36
CA LEU A 134 -3.32 -15.05 1.12
C LEU A 134 -3.50 -13.60 1.61
N SER A 135 -3.28 -12.63 0.73
CA SER A 135 -3.42 -11.23 1.10
C SER A 135 -4.84 -10.67 0.86
N ALA A 136 -5.01 -9.36 1.09
CA ALA A 136 -6.30 -8.69 0.93
C ALA A 136 -7.36 -9.29 1.84
N GLY A 137 -6.92 -10.04 2.85
CA GLY A 137 -7.84 -10.64 3.79
C GLY A 137 -9.00 -11.43 3.21
N THR A 138 -10.20 -11.13 3.71
CA THR A 138 -11.41 -11.78 3.26
C THR A 138 -11.93 -11.06 2.02
N GLY A 139 -11.42 -9.85 1.79
CA GLY A 139 -11.84 -9.08 0.64
C GLY A 139 -12.98 -8.13 0.93
N ASN A 140 -13.54 -8.20 2.13
CA ASN A 140 -14.64 -7.35 2.54
C ASN A 140 -14.27 -6.35 3.63
N PRO A 141 -14.93 -5.18 3.65
CA PRO A 141 -14.64 -4.19 4.69
C PRO A 141 -15.25 -4.67 6.00
N PHE A 142 -14.90 -4.02 7.11
CA PHE A 142 -15.42 -4.38 8.43
C PHE A 142 -14.95 -5.76 8.87
N PHE A 143 -13.77 -6.15 8.44
CA PHE A 143 -13.22 -7.45 8.82
C PHE A 143 -11.73 -7.29 9.11
N THR A 144 -11.19 -8.23 9.86
CA THR A 144 -9.78 -8.20 10.22
C THR A 144 -9.05 -9.34 9.53
N THR A 145 -7.75 -9.21 9.33
CA THR A 145 -7.03 -10.31 8.70
C THR A 145 -7.09 -11.55 9.60
N ASP A 146 -7.42 -11.36 10.87
CA ASP A 146 -7.57 -12.49 11.77
C ASP A 146 -8.74 -13.37 11.26
N SER A 147 -9.84 -12.75 10.88
CA SER A 147 -11.00 -13.48 10.35
C SER A 147 -10.50 -14.21 9.13
N ALA A 148 -9.83 -13.46 8.26
CA ALA A 148 -9.28 -14.03 7.03
C ALA A 148 -8.50 -15.30 7.40
N ALA A 149 -7.71 -15.21 8.45
CA ALA A 149 -6.90 -16.34 8.88
C ALA A 149 -7.76 -17.55 9.21
N CYS A 150 -8.79 -17.33 10.01
CA CYS A 150 -9.68 -18.39 10.40
C CYS A 150 -10.46 -18.92 9.21
N LEU A 151 -10.96 -18.01 8.37
CA LEU A 151 -11.71 -18.40 7.19
C LEU A 151 -10.84 -19.19 6.21
N ARG A 152 -9.65 -18.68 5.91
CA ARG A 152 -8.77 -19.38 4.98
C ARG A 152 -8.30 -20.72 5.54
N GLY A 153 -8.16 -20.79 6.86
CA GLY A 153 -7.72 -22.02 7.50
C GLY A 153 -8.78 -23.10 7.42
N ILE A 154 -10.03 -22.73 7.66
CA ILE A 154 -11.10 -23.69 7.59
C ILE A 154 -11.22 -24.17 6.17
N GLU A 155 -11.09 -23.23 5.23
CA GLU A 155 -11.18 -23.54 3.81
C GLU A 155 -10.12 -24.53 3.37
N ILE A 156 -8.85 -24.20 3.60
CA ILE A 156 -7.77 -25.07 3.17
C ILE A 156 -7.61 -26.26 4.09
N GLU A 157 -8.57 -26.42 5.00
CA GLU A 157 -8.54 -27.53 5.94
C GLU A 157 -7.18 -27.63 6.64
N ALA A 158 -6.67 -26.49 7.12
CA ALA A 158 -5.41 -26.46 7.83
C ALA A 158 -5.57 -27.19 9.16
N ASN A 159 -4.50 -27.82 9.63
CA ASN A 159 -4.55 -28.56 10.89
C ASN A 159 -4.62 -27.62 12.06
N VAL A 160 -4.22 -26.38 11.84
CA VAL A 160 -4.22 -25.41 12.92
C VAL A 160 -3.77 -24.05 12.41
N VAL A 161 -4.29 -22.99 13.04
CA VAL A 161 -3.91 -21.64 12.70
C VAL A 161 -2.92 -21.16 13.77
N LEU A 162 -1.72 -20.77 13.33
CA LEU A 162 -0.72 -20.30 14.28
C LEU A 162 -0.73 -18.78 14.25
N LYS A 163 -1.22 -18.18 15.34
CA LYS A 163 -1.30 -16.73 15.43
C LYS A 163 -0.03 -16.13 15.98
N ALA A 164 0.84 -15.65 15.09
CA ALA A 164 2.09 -15.03 15.51
C ALA A 164 1.80 -13.67 16.18
N THR A 165 2.47 -13.40 17.29
CA THR A 165 2.33 -12.14 18.03
C THR A 165 3.65 -11.84 18.69
N LYS A 166 3.88 -10.58 19.05
CA LYS A 166 5.15 -10.20 19.69
C LYS A 166 5.17 -10.58 21.17
N VAL A 167 4.33 -11.55 21.53
CA VAL A 167 4.21 -12.05 22.91
C VAL A 167 4.34 -13.58 22.92
N ASP A 168 4.85 -14.13 24.00
CA ASP A 168 5.03 -15.57 24.13
C ASP A 168 3.72 -16.34 24.02
N GLY A 169 2.60 -15.66 24.24
CA GLY A 169 1.30 -16.31 24.16
C GLY A 169 0.16 -15.53 24.76
N VAL A 170 -0.79 -16.24 25.37
CA VAL A 170 -1.96 -15.60 25.99
C VAL A 170 -1.79 -15.53 27.50
N PHE A 171 -1.81 -14.31 28.04
CA PHE A 171 -1.65 -14.09 29.48
C PHE A 171 -2.98 -13.71 30.15
N THR A 172 -2.98 -13.79 31.48
CA THR A 172 -4.15 -13.44 32.28
C THR A 172 -4.50 -11.97 32.06
N ALA A 173 -3.53 -11.22 31.54
CA ALA A 173 -3.70 -9.81 31.24
C ALA A 173 -2.52 -9.43 30.38
N ASP A 174 -2.35 -8.14 30.09
CA ASP A 174 -1.23 -7.72 29.28
C ASP A 174 0.05 -7.85 30.10
N PRO A 175 0.93 -8.79 29.71
CA PRO A 175 2.20 -9.04 30.39
C PRO A 175 3.24 -7.93 30.24
N ALA A 176 2.83 -6.81 29.65
CA ALA A 176 3.73 -5.68 29.44
C ALA A 176 3.19 -4.41 30.10
N LYS A 177 2.05 -4.54 30.76
CA LYS A 177 1.41 -3.41 31.42
C LYS A 177 0.92 -3.83 32.81
N ASP A 178 1.14 -5.12 33.12
CA ASP A 178 0.74 -5.69 34.40
C ASP A 178 1.69 -6.86 34.69
N PRO A 179 2.84 -6.57 35.32
CA PRO A 179 3.85 -7.58 35.65
C PRO A 179 3.35 -8.80 36.44
N THR A 180 2.05 -8.87 36.67
CA THR A 180 1.50 -10.00 37.41
C THR A 180 0.92 -11.05 36.48
N ALA A 181 0.39 -10.61 35.34
CA ALA A 181 -0.21 -11.53 34.36
C ALA A 181 0.65 -12.77 34.08
N THR A 182 0.00 -13.91 33.97
CA THR A 182 0.68 -15.18 33.70
C THR A 182 0.17 -15.78 32.40
N MET A 183 1.05 -16.48 31.70
CA MET A 183 0.70 -17.10 30.43
C MET A 183 -0.03 -18.42 30.63
N TYR A 184 -0.87 -18.77 29.66
CA TYR A 184 -1.58 -20.04 29.72
C TYR A 184 -0.85 -20.97 28.79
N GLU A 185 -0.88 -22.25 29.11
CA GLU A 185 -0.20 -23.23 28.28
C GLU A 185 -1.26 -23.93 27.43
N GLN A 186 -2.49 -23.90 27.92
CA GLN A 186 -3.61 -24.57 27.26
C GLN A 186 -4.91 -23.82 27.58
N LEU A 187 -5.77 -23.67 26.57
CA LEU A 187 -7.05 -22.98 26.76
C LEU A 187 -8.13 -23.46 25.80
N THR A 188 -9.38 -23.22 26.16
CA THR A 188 -10.50 -23.59 25.31
C THR A 188 -11.34 -22.34 25.06
N TYR A 189 -12.00 -22.30 23.91
CA TYR A 189 -12.83 -21.16 23.53
C TYR A 189 -13.71 -20.68 24.67
N SER A 190 -14.55 -21.57 25.18
CA SER A 190 -15.46 -21.23 26.26
C SER A 190 -14.76 -20.48 27.37
N GLU A 191 -13.53 -20.87 27.66
CA GLU A 191 -12.77 -20.23 28.72
C GLU A 191 -12.33 -18.85 28.26
N VAL A 192 -11.74 -18.76 27.08
CA VAL A 192 -11.30 -17.48 26.55
C VAL A 192 -12.46 -16.48 26.58
N LEU A 193 -13.63 -16.93 26.16
CA LEU A 193 -14.82 -16.07 26.14
C LEU A 193 -15.33 -15.84 27.55
N GLU A 194 -15.22 -16.88 28.38
CA GLU A 194 -15.68 -16.81 29.76
C GLU A 194 -14.91 -15.76 30.55
N LYS A 195 -13.59 -15.87 30.51
CA LYS A 195 -12.72 -14.95 31.22
C LYS A 195 -12.45 -13.73 30.32
N GLU A 196 -13.03 -13.77 29.12
CA GLU A 196 -12.87 -12.70 28.14
C GLU A 196 -11.41 -12.31 27.93
N LEU A 197 -10.64 -13.23 27.37
CA LEU A 197 -9.22 -13.00 27.08
C LEU A 197 -9.05 -12.48 25.65
N LYS A 198 -7.92 -11.81 25.41
CA LYS A 198 -7.65 -11.27 24.08
C LYS A 198 -6.84 -12.24 23.21
N VAL A 199 -7.51 -12.81 22.21
CA VAL A 199 -6.86 -13.74 21.31
C VAL A 199 -6.95 -13.13 19.91
N MET A 200 -8.13 -12.60 19.59
CA MET A 200 -8.37 -11.99 18.30
C MET A 200 -9.79 -11.43 18.20
N ASP A 201 -10.10 -10.80 17.07
CA ASP A 201 -11.42 -10.24 16.83
C ASP A 201 -12.46 -11.31 17.09
N LEU A 202 -13.48 -10.97 17.87
CA LEU A 202 -14.52 -11.91 18.24
C LEU A 202 -15.10 -12.72 17.08
N ALA A 203 -15.42 -12.04 15.98
CA ALA A 203 -15.97 -12.71 14.81
C ALA A 203 -15.08 -13.84 14.32
N ALA A 204 -13.80 -13.52 14.14
CA ALA A 204 -12.84 -14.50 13.65
C ALA A 204 -12.75 -15.69 14.59
N PHE A 205 -12.84 -15.42 15.90
CA PHE A 205 -12.76 -16.45 16.92
C PHE A 205 -14.04 -17.29 16.99
N THR A 206 -15.17 -16.62 16.86
CA THR A 206 -16.46 -17.28 16.89
C THR A 206 -16.45 -18.30 15.76
N LEU A 207 -15.97 -17.85 14.60
CA LEU A 207 -15.89 -18.70 13.42
C LEU A 207 -14.98 -19.91 13.67
N ALA A 208 -13.81 -19.66 14.24
CA ALA A 208 -12.86 -20.72 14.53
C ALA A 208 -13.48 -21.73 15.50
N ARG A 209 -14.19 -21.22 16.49
CA ARG A 209 -14.84 -22.09 17.47
C ARG A 209 -15.92 -22.93 16.80
N ASP A 210 -16.75 -22.27 15.99
CA ASP A 210 -17.84 -22.95 15.29
C ASP A 210 -17.34 -24.12 14.46
N HIS A 211 -16.07 -24.09 14.07
CA HIS A 211 -15.51 -25.17 13.27
C HIS A 211 -14.34 -25.89 13.93
N LYS A 212 -14.22 -25.71 15.24
CA LYS A 212 -13.15 -26.36 16.00
C LYS A 212 -11.82 -26.25 15.25
N LEU A 213 -11.39 -25.02 15.01
CA LEU A 213 -10.12 -24.76 14.32
C LEU A 213 -9.10 -24.49 15.41
N PRO A 214 -8.31 -25.50 15.76
CA PRO A 214 -7.31 -25.23 16.81
C PRO A 214 -6.51 -23.97 16.51
N ILE A 215 -6.23 -23.19 17.55
CA ILE A 215 -5.46 -21.96 17.42
C ILE A 215 -4.31 -22.02 18.42
N ARG A 216 -3.12 -21.61 17.97
CA ARG A 216 -1.97 -21.57 18.84
C ARG A 216 -1.38 -20.17 18.80
N VAL A 217 -1.21 -19.54 19.95
CA VAL A 217 -0.62 -18.20 19.99
C VAL A 217 0.81 -18.36 20.46
N PHE A 218 1.75 -17.80 19.71
CA PHE A 218 3.17 -17.90 20.04
C PHE A 218 3.88 -16.61 19.65
N ASN A 219 5.15 -16.52 20.01
CA ASN A 219 5.92 -15.31 19.70
C ASN A 219 6.73 -15.49 18.42
N MET A 220 6.53 -14.59 17.46
CA MET A 220 7.28 -14.68 16.21
C MET A 220 8.64 -14.01 16.29
N ASN A 221 8.86 -13.16 17.30
CA ASN A 221 10.15 -12.50 17.45
C ASN A 221 11.09 -13.37 18.27
N LYS A 222 10.62 -14.54 18.68
CA LYS A 222 11.43 -15.47 19.46
C LYS A 222 11.98 -16.52 18.53
N PRO A 223 13.15 -16.26 17.92
CA PRO A 223 13.80 -17.19 16.99
C PRO A 223 13.66 -18.65 17.40
N GLY A 224 13.13 -19.47 16.49
CA GLY A 224 12.97 -20.88 16.76
C GLY A 224 11.59 -21.28 17.25
N ALA A 225 10.89 -20.33 17.85
CA ALA A 225 9.54 -20.55 18.38
C ALA A 225 8.62 -21.20 17.36
N LEU A 226 8.62 -20.67 16.14
CA LEU A 226 7.78 -21.21 15.11
C LEU A 226 7.99 -22.72 15.02
N ARG A 227 9.25 -23.11 14.86
CA ARG A 227 9.65 -24.51 14.73
C ARG A 227 9.23 -25.34 15.93
N ARG A 228 9.45 -24.81 17.13
CA ARG A 228 9.11 -25.52 18.36
C ARG A 228 7.62 -25.84 18.40
N VAL A 229 6.81 -24.87 17.98
CA VAL A 229 5.36 -25.03 17.96
C VAL A 229 4.92 -26.15 17.04
N VAL A 230 5.44 -26.16 15.83
CA VAL A 230 5.08 -27.18 14.86
C VAL A 230 5.70 -28.53 15.20
N MET A 231 6.76 -28.50 15.98
CA MET A 231 7.43 -29.72 16.41
C MET A 231 6.85 -30.19 17.74
N GLY A 232 5.69 -29.62 18.07
CA GLY A 232 5.00 -29.97 19.29
C GLY A 232 5.77 -29.82 20.58
N GLU A 233 6.32 -28.64 20.83
CA GLU A 233 7.06 -28.41 22.07
C GLU A 233 6.32 -27.42 22.95
N LYS A 234 6.94 -27.01 24.05
CA LYS A 234 6.29 -26.07 24.95
C LYS A 234 6.46 -24.63 24.48
N GLU A 235 5.55 -24.20 23.61
CA GLU A 235 5.60 -22.83 23.09
C GLU A 235 4.21 -22.21 22.99
N GLY A 236 4.09 -21.00 23.53
CA GLY A 236 2.83 -20.29 23.47
C GLY A 236 1.63 -21.03 24.02
N THR A 237 0.45 -20.57 23.61
CA THR A 237 -0.81 -21.12 24.08
C THR A 237 -1.59 -21.89 23.01
N LEU A 238 -2.26 -22.94 23.44
CA LEU A 238 -3.08 -23.75 22.55
C LEU A 238 -4.54 -23.47 22.83
N ILE A 239 -5.34 -23.34 21.77
CA ILE A 239 -6.76 -23.07 21.94
C ILE A 239 -7.60 -24.07 21.14
N THR A 240 -8.37 -24.88 21.86
CA THR A 240 -9.23 -25.89 21.23
C THR A 240 -10.40 -26.17 22.16
N GLU A 241 -11.27 -27.09 21.76
CA GLU A 241 -12.41 -27.47 22.57
C GLU A 241 -13.24 -28.52 21.83
N ASN B 4 -12.58 39.61 -13.75
CA ASN B 4 -13.08 38.87 -14.95
C ASN B 4 -11.93 38.08 -15.60
N ALA B 5 -10.95 37.72 -14.79
CA ALA B 5 -9.76 36.97 -15.24
C ALA B 5 -10.08 35.69 -15.98
N LYS B 6 -10.49 34.66 -15.23
CA LYS B 6 -10.82 33.38 -15.81
C LYS B 6 -9.55 32.60 -16.18
N PRO B 7 -9.58 31.26 -16.01
CA PRO B 7 -8.49 30.31 -16.28
C PRO B 7 -7.79 30.39 -17.63
N VAL B 8 -6.50 30.06 -17.61
CA VAL B 8 -5.63 30.08 -18.77
C VAL B 8 -5.47 28.68 -19.37
N TYR B 9 -6.18 27.72 -18.79
CA TYR B 9 -6.13 26.33 -19.26
C TYR B 9 -7.51 25.69 -19.29
N LYS B 10 -7.71 24.79 -20.25
CA LYS B 10 -8.98 24.09 -20.39
C LYS B 10 -8.91 22.73 -19.70
N ARG B 11 -7.84 21.99 -19.98
CA ARG B 11 -7.64 20.67 -19.39
C ARG B 11 -6.19 20.50 -18.95
N ILE B 12 -6.00 20.10 -17.70
CA ILE B 12 -4.65 19.91 -17.17
C ILE B 12 -4.35 18.49 -16.70
N LEU B 13 -3.07 18.24 -16.48
CA LEU B 13 -2.59 16.96 -15.98
C LEU B 13 -1.86 17.31 -14.69
N LEU B 14 -2.54 17.15 -13.57
CA LEU B 14 -1.96 17.46 -12.27
C LEU B 14 -1.24 16.27 -11.69
N LYS B 15 0.07 16.42 -11.50
CA LYS B 15 0.89 15.36 -10.92
C LYS B 15 1.05 15.66 -9.44
N LEU B 16 0.43 14.86 -8.59
CA LEU B 16 0.56 15.06 -7.16
C LEU B 16 1.59 14.10 -6.62
N SER B 17 2.70 14.62 -6.12
CA SER B 17 3.72 13.76 -5.56
C SER B 17 3.20 13.19 -4.24
N GLY B 18 3.49 11.91 -3.98
CA GLY B 18 3.05 11.29 -2.75
C GLY B 18 3.66 11.96 -1.54
N GLU B 19 4.96 12.21 -1.60
CA GLU B 19 5.66 12.86 -0.49
C GLU B 19 4.91 14.09 -0.01
N ALA B 20 4.21 14.75 -0.92
CA ALA B 20 3.47 15.95 -0.57
C ALA B 20 2.17 15.65 0.16
N LEU B 21 1.93 14.39 0.50
CA LEU B 21 0.71 14.01 1.22
C LEU B 21 1.03 13.52 2.63
N GLN B 22 2.30 13.62 3.02
CA GLN B 22 2.76 13.17 4.34
C GLN B 22 2.36 14.10 5.48
N GLY B 23 2.76 15.37 5.39
CA GLY B 23 2.43 16.34 6.43
C GLY B 23 3.00 16.02 7.81
N THR B 24 4.30 15.72 7.84
CA THR B 24 5.03 15.40 9.06
C THR B 24 5.00 13.92 9.44
N GLU B 25 6.18 13.40 9.80
CA GLU B 25 6.34 12.00 10.18
C GLU B 25 6.03 11.09 9.00
N PHE B 27 5.95 8.48 7.82
CA PHE B 27 5.35 8.53 6.49
C PHE B 27 3.82 8.63 6.58
N GLY B 28 3.11 7.87 5.75
CA GLY B 28 1.67 7.86 5.78
C GLY B 28 1.00 8.95 4.96
N ILE B 29 -0.26 9.17 5.23
CA ILE B 29 -1.05 10.18 4.51
C ILE B 29 -1.59 11.20 5.48
N ASP B 30 -1.58 12.46 5.08
CA ASP B 30 -2.08 13.53 5.94
C ASP B 30 -3.49 13.90 5.54
N ALA B 31 -4.46 13.41 6.30
CA ALA B 31 -5.86 13.68 6.05
C ALA B 31 -6.15 15.14 5.71
N SER B 32 -5.57 16.07 6.48
CA SER B 32 -5.83 17.47 6.26
C SER B 32 -5.32 18.01 4.92
N ILE B 33 -4.20 17.49 4.42
CA ILE B 33 -3.71 17.95 3.13
C ILE B 33 -4.70 17.44 2.09
N LEU B 34 -5.17 16.21 2.28
CA LEU B 34 -6.11 15.60 1.37
C LEU B 34 -7.39 16.41 1.28
N ASP B 35 -7.95 16.77 2.43
CA ASP B 35 -9.18 17.55 2.48
C ASP B 35 -9.01 18.89 1.79
N ARG B 36 -7.80 19.46 1.91
CA ARG B 36 -7.52 20.74 1.31
C ARG B 36 -7.43 20.67 -0.21
N MET B 37 -6.75 19.65 -0.72
CA MET B 37 -6.59 19.49 -2.16
C MET B 37 -7.93 19.21 -2.83
N ALA B 38 -8.84 18.54 -2.11
CA ALA B 38 -10.15 18.25 -2.68
C ALA B 38 -10.83 19.59 -2.91
N GLN B 39 -10.69 20.48 -1.94
CA GLN B 39 -11.29 21.80 -2.05
C GLN B 39 -10.72 22.58 -3.24
N GLU B 40 -9.40 22.62 -3.34
CA GLU B 40 -8.74 23.36 -4.41
C GLU B 40 -9.02 22.73 -5.77
N ILE B 41 -9.22 21.42 -5.79
CA ILE B 41 -9.51 20.74 -7.04
C ILE B 41 -10.99 21.00 -7.36
N LYS B 42 -11.81 21.08 -6.32
CA LYS B 42 -13.24 21.34 -6.49
C LYS B 42 -13.45 22.66 -7.22
N GLU B 43 -12.69 23.68 -6.83
CA GLU B 43 -12.77 25.02 -7.43
C GLU B 43 -12.42 24.98 -8.92
N LEU B 44 -11.35 24.27 -9.27
CA LEU B 44 -10.93 24.15 -10.65
C LEU B 44 -12.04 23.51 -11.48
N VAL B 45 -12.67 22.49 -10.92
CA VAL B 45 -13.75 21.82 -11.63
C VAL B 45 -14.96 22.74 -11.78
N GLU B 46 -15.28 23.49 -10.73
CA GLU B 46 -16.40 24.41 -10.83
C GLU B 46 -16.00 25.52 -11.80
N LEU B 47 -14.70 25.75 -11.90
CA LEU B 47 -14.17 26.77 -12.79
C LEU B 47 -14.21 26.30 -14.24
N GLY B 48 -14.71 25.08 -14.45
CA GLY B 48 -14.80 24.51 -15.78
C GLY B 48 -13.57 23.78 -16.30
N ILE B 49 -12.57 23.61 -15.45
CA ILE B 49 -11.33 22.94 -15.85
C ILE B 49 -11.36 21.42 -15.75
N GLN B 50 -11.03 20.76 -16.86
CA GLN B 50 -11.01 19.30 -16.87
C GLN B 50 -9.71 18.90 -16.15
N VAL B 51 -9.82 17.98 -15.19
CA VAL B 51 -8.65 17.57 -14.42
C VAL B 51 -8.29 16.10 -14.41
N GLY B 52 -7.14 15.77 -15.01
CA GLY B 52 -6.63 14.42 -14.99
C GLY B 52 -5.56 14.54 -13.92
N VAL B 53 -5.46 13.61 -12.98
CA VAL B 53 -4.43 13.75 -11.94
C VAL B 53 -3.59 12.50 -11.70
N VAL B 54 -2.29 12.62 -11.98
CA VAL B 54 -1.37 11.51 -11.77
C VAL B 54 -0.86 11.66 -10.34
N ILE B 55 -0.94 10.58 -9.58
CA ILE B 55 -0.50 10.61 -8.19
C ILE B 55 0.72 9.71 -7.97
N GLY B 56 1.59 10.12 -7.05
CA GLY B 56 2.79 9.35 -6.77
C GLY B 56 2.63 8.50 -5.54
N GLY B 57 3.73 7.98 -5.02
CA GLY B 57 3.66 7.14 -3.83
C GLY B 57 4.83 7.29 -2.88
N GLY B 58 5.65 8.30 -3.14
CA GLY B 58 6.83 8.55 -2.32
C GLY B 58 6.67 8.52 -0.81
N ASN B 59 5.45 8.72 -0.33
CA ASN B 59 5.21 8.71 1.11
C ASN B 59 5.15 7.29 1.68
N LEU B 60 4.92 6.29 0.84
CA LEU B 60 4.83 4.91 1.29
C LEU B 60 6.03 4.05 0.85
N PHE B 61 6.24 3.94 -0.46
CA PHE B 61 7.37 3.14 -0.94
C PHE B 61 7.92 3.58 -2.29
N ARG B 62 9.21 3.34 -2.47
CA ARG B 62 9.89 3.61 -3.71
C ARG B 62 10.64 2.34 -4.04
N GLY B 63 10.40 1.84 -5.26
CA GLY B 63 11.07 0.63 -5.69
C GLY B 63 12.55 0.68 -5.39
N ALA B 64 13.23 1.68 -5.95
CA ALA B 64 14.68 1.81 -5.74
C ALA B 64 15.08 1.72 -4.28
N GLY B 65 14.27 2.31 -3.41
CA GLY B 65 14.57 2.28 -1.99
C GLY B 65 14.61 0.86 -1.49
N LEU B 66 13.55 0.12 -1.76
CA LEU B 66 13.46 -1.26 -1.34
C LEU B 66 14.59 -2.10 -1.93
N ALA B 67 14.91 -1.86 -3.20
CA ALA B 67 15.96 -2.61 -3.90
C ALA B 67 17.28 -2.59 -3.14
N LYS B 68 17.67 -1.41 -2.65
CA LYS B 68 18.91 -1.28 -1.89
C LYS B 68 18.87 -2.10 -0.60
N ALA B 69 17.68 -2.28 -0.04
CA ALA B 69 17.56 -3.07 1.17
C ALA B 69 17.61 -4.56 0.82
N GLY B 70 17.61 -4.87 -0.48
CA GLY B 70 17.69 -6.26 -0.90
C GLY B 70 16.55 -6.89 -1.68
N MET B 71 15.41 -6.22 -1.72
CA MET B 71 14.25 -6.73 -2.44
C MET B 71 14.49 -6.77 -3.94
N ASN B 72 13.70 -7.55 -4.67
CA ASN B 72 13.84 -7.61 -6.12
C ASN B 72 13.35 -6.25 -6.62
N ARG B 73 14.16 -5.60 -7.43
CA ARG B 73 13.79 -4.28 -7.94
C ARG B 73 12.39 -4.24 -8.53
N VAL B 74 12.04 -5.25 -9.33
CA VAL B 74 10.73 -5.29 -9.96
C VAL B 74 9.58 -5.43 -8.96
N VAL B 75 9.78 -6.20 -7.89
CA VAL B 75 8.73 -6.35 -6.90
C VAL B 75 8.66 -5.04 -6.11
N GLY B 76 9.77 -4.34 -6.06
CA GLY B 76 9.82 -3.08 -5.35
C GLY B 76 8.97 -2.05 -6.06
N ASP B 77 9.14 -1.94 -7.37
CA ASP B 77 8.35 -0.99 -8.13
C ASP B 77 6.88 -1.36 -8.04
N HIS B 78 6.59 -2.65 -8.00
CA HIS B 78 5.20 -3.10 -7.89
C HIS B 78 4.62 -2.54 -6.59
N MET B 79 5.31 -2.77 -5.49
CA MET B 79 4.83 -2.24 -4.23
C MET B 79 4.68 -0.73 -4.38
N GLY B 80 5.68 -0.10 -4.98
CA GLY B 80 5.62 1.33 -5.19
C GLY B 80 4.36 1.72 -5.93
N MET B 81 4.13 1.08 -7.07
CA MET B 81 2.95 1.37 -7.87
C MET B 81 1.68 1.13 -7.10
N LEU B 82 1.71 0.17 -6.19
CA LEU B 82 0.52 -0.14 -5.40
C LEU B 82 0.26 0.95 -4.37
N ALA B 83 1.32 1.67 -4.00
CA ALA B 83 1.18 2.77 -3.05
C ALA B 83 0.42 3.90 -3.72
N THR B 84 0.74 4.17 -4.98
CA THR B 84 0.07 5.22 -5.73
C THR B 84 -1.43 4.96 -5.72
N VAL B 85 -1.82 3.69 -5.90
CA VAL B 85 -3.23 3.33 -5.89
C VAL B 85 -3.81 3.63 -4.51
N MET B 86 -3.08 3.23 -3.47
CA MET B 86 -3.52 3.49 -2.11
C MET B 86 -3.73 5.00 -1.94
N ASN B 87 -2.81 5.79 -2.51
CA ASN B 87 -2.95 7.25 -2.42
C ASN B 87 -4.10 7.73 -3.30
N GLY B 88 -4.30 7.04 -4.41
CA GLY B 88 -5.37 7.42 -5.32
C GLY B 88 -6.71 7.15 -4.67
N LEU B 89 -6.72 6.15 -3.79
CA LEU B 89 -7.94 5.78 -3.08
C LEU B 89 -8.31 6.89 -2.09
N ALA B 90 -7.35 7.33 -1.29
CA ALA B 90 -7.59 8.38 -0.32
C ALA B 90 -7.92 9.71 -0.99
N MET B 91 -7.24 10.03 -2.08
CA MET B 91 -7.54 11.28 -2.77
C MET B 91 -8.96 11.25 -3.35
N ARG B 92 -9.37 10.11 -3.89
CA ARG B 92 -10.71 10.02 -4.45
C ARG B 92 -11.75 10.19 -3.34
N ASP B 93 -11.49 9.59 -2.19
CA ASP B 93 -12.42 9.69 -1.09
C ASP B 93 -12.59 11.13 -0.66
N ALA B 94 -11.46 11.86 -0.60
CA ALA B 94 -11.54 13.25 -0.21
C ALA B 94 -12.40 13.99 -1.24
N LEU B 95 -12.19 13.69 -2.52
CA LEU B 95 -12.99 14.34 -3.55
C LEU B 95 -14.44 14.02 -3.30
N HIS B 96 -14.77 12.73 -3.20
CA HIS B 96 -16.15 12.35 -2.97
C HIS B 96 -16.77 13.02 -1.74
N ARG B 97 -16.07 13.02 -0.61
CA ARG B 97 -16.63 13.64 0.57
C ARG B 97 -16.75 15.17 0.41
N ALA B 98 -16.14 15.72 -0.64
CA ALA B 98 -16.25 17.15 -0.92
C ALA B 98 -17.29 17.35 -2.04
N TYR B 99 -17.96 16.26 -2.40
CA TYR B 99 -19.00 16.30 -3.42
C TYR B 99 -18.46 16.69 -4.79
N VAL B 100 -17.39 16.03 -5.19
CA VAL B 100 -16.77 16.27 -6.47
C VAL B 100 -16.76 14.95 -7.24
N ASN B 101 -17.31 14.96 -8.44
CA ASN B 101 -17.36 13.75 -9.24
C ASN B 101 -15.96 13.33 -9.61
N ALA B 102 -15.56 12.16 -9.12
CA ALA B 102 -14.23 11.63 -9.39
C ALA B 102 -14.21 10.11 -9.57
N ARG B 103 -13.27 9.64 -10.37
CA ARG B 103 -13.11 8.23 -10.63
C ARG B 103 -11.64 7.91 -10.55
N LEU B 104 -11.31 6.71 -10.06
CA LEU B 104 -9.92 6.30 -9.95
C LEU B 104 -9.64 5.16 -10.90
N MET B 105 -8.60 5.31 -11.71
CA MET B 105 -8.22 4.26 -12.66
C MET B 105 -6.82 3.80 -12.31
N SER B 106 -6.53 2.52 -12.51
CA SER B 106 -5.21 1.99 -12.23
C SER B 106 -4.58 1.38 -13.46
N ALA B 107 -3.28 1.63 -13.62
CA ALA B 107 -2.51 1.07 -14.73
C ALA B 107 -2.55 -0.44 -14.60
N ILE B 108 -2.43 -0.93 -13.37
CA ILE B 108 -2.50 -2.37 -13.15
C ILE B 108 -3.92 -2.64 -12.65
N PRO B 109 -4.70 -3.43 -13.40
CA PRO B 109 -6.08 -3.76 -13.05
C PRO B 109 -6.33 -4.27 -11.64
N LEU B 110 -7.05 -3.47 -10.86
CA LEU B 110 -7.40 -3.81 -9.48
C LEU B 110 -8.79 -4.43 -9.50
N ASN B 111 -9.68 -3.81 -10.26
CA ASN B 111 -11.05 -4.29 -10.39
C ASN B 111 -11.73 -4.29 -9.02
N ALA B 112 -12.94 -3.73 -8.98
CA ALA B 112 -13.72 -3.64 -7.75
C ALA B 112 -13.30 -2.42 -6.93
N VAL B 113 -12.03 -2.42 -6.47
CA VAL B 113 -11.52 -1.31 -5.68
C VAL B 113 -11.52 -0.03 -6.51
N CYS B 114 -11.14 -0.14 -7.78
CA CYS B 114 -11.13 1.00 -8.69
C CYS B 114 -11.22 0.49 -10.12
N ASP B 115 -11.24 1.39 -11.10
CA ASP B 115 -11.32 1.04 -12.51
C ASP B 115 -9.95 0.80 -13.14
N SER B 116 -9.92 0.05 -14.22
CA SER B 116 -8.68 -0.20 -14.94
C SER B 116 -8.50 1.04 -15.79
N TYR B 117 -7.27 1.43 -16.11
CA TYR B 117 -7.07 2.61 -16.94
C TYR B 117 -7.65 2.40 -18.31
N SER B 118 -8.51 3.32 -18.72
CA SER B 118 -9.15 3.25 -20.03
C SER B 118 -9.03 4.62 -20.68
N TRP B 119 -8.08 4.74 -21.60
CA TRP B 119 -7.84 5.99 -22.30
C TRP B 119 -9.12 6.65 -22.79
N ALA B 120 -9.90 5.89 -23.55
CA ALA B 120 -11.14 6.42 -24.10
C ALA B 120 -12.05 6.83 -22.96
N GLU B 121 -12.29 5.92 -22.04
CA GLU B 121 -13.14 6.22 -20.90
C GLU B 121 -12.67 7.47 -20.14
N ALA B 122 -11.37 7.73 -20.16
CA ALA B 122 -10.83 8.89 -19.46
C ALA B 122 -11.15 10.19 -20.18
N ILE B 123 -11.13 10.14 -21.51
CA ILE B 123 -11.43 11.32 -22.30
C ILE B 123 -12.90 11.65 -22.08
N SER B 124 -13.76 10.66 -22.23
CA SER B 124 -15.19 10.88 -22.03
C SER B 124 -15.44 11.54 -20.66
N LEU B 125 -14.89 10.95 -19.61
CA LEU B 125 -15.04 11.45 -18.24
C LEU B 125 -14.58 12.90 -18.05
N LEU B 126 -13.40 13.24 -18.57
CA LEU B 126 -12.90 14.60 -18.45
C LEU B 126 -13.89 15.56 -19.12
N ARG B 127 -14.38 15.17 -20.29
CA ARG B 127 -15.34 15.98 -21.05
C ARG B 127 -16.63 16.20 -20.26
N ASN B 128 -16.99 15.24 -19.41
CA ASN B 128 -18.18 15.37 -18.59
C ASN B 128 -17.83 15.96 -17.23
N ASN B 129 -16.77 16.75 -17.20
CA ASN B 129 -16.31 17.41 -15.99
C ASN B 129 -16.20 16.51 -14.76
N ARG B 130 -15.38 15.47 -14.88
CA ARG B 130 -15.15 14.55 -13.78
C ARG B 130 -13.66 14.32 -13.62
N VAL B 131 -13.18 14.37 -12.38
CA VAL B 131 -11.77 14.20 -12.10
C VAL B 131 -11.35 12.76 -12.31
N VAL B 132 -10.36 12.57 -13.16
CA VAL B 132 -9.85 11.25 -13.48
C VAL B 132 -8.49 11.08 -12.86
N ILE B 133 -8.41 10.26 -11.82
CA ILE B 133 -7.15 10.01 -11.14
C ILE B 133 -6.47 8.80 -11.77
N LEU B 134 -5.18 8.91 -12.04
CA LEU B 134 -4.42 7.82 -12.63
C LEU B 134 -3.37 7.32 -11.64
N SER B 135 -3.57 6.11 -11.11
CA SER B 135 -2.62 5.54 -10.17
C SER B 135 -1.82 4.43 -10.87
N ALA B 136 -0.82 3.91 -10.20
CA ALA B 136 0.05 2.87 -10.73
C ALA B 136 0.89 3.38 -11.90
N GLY B 137 0.96 4.71 -12.01
CA GLY B 137 1.76 5.34 -13.05
C GLY B 137 1.66 4.73 -14.44
N THR B 138 2.81 4.35 -14.98
CA THR B 138 2.86 3.75 -16.30
C THR B 138 2.54 2.26 -16.17
N GLY B 139 2.56 1.76 -14.94
CA GLY B 139 2.26 0.37 -14.71
C GLY B 139 3.43 -0.56 -14.98
N ASN B 140 4.60 0.01 -15.29
CA ASN B 140 5.82 -0.77 -15.56
C ASN B 140 6.92 -0.41 -14.57
N PRO B 141 7.72 -1.40 -14.15
CA PRO B 141 8.82 -1.14 -13.21
C PRO B 141 9.90 -0.29 -13.90
N PHE B 142 10.79 0.30 -13.11
CA PHE B 142 11.87 1.13 -13.66
C PHE B 142 11.46 2.53 -14.10
N PHE B 143 10.20 2.87 -13.91
CA PHE B 143 9.71 4.20 -14.28
C PHE B 143 9.20 4.94 -13.05
N THR B 144 9.01 6.23 -13.19
CA THR B 144 8.52 7.07 -12.10
C THR B 144 7.10 7.56 -12.42
N THR B 145 6.47 8.25 -11.48
CA THR B 145 5.14 8.77 -11.75
C THR B 145 5.29 10.01 -12.63
N ASP B 146 6.41 10.71 -12.47
CA ASP B 146 6.67 11.87 -13.30
C ASP B 146 6.53 11.45 -14.77
N SER B 147 7.02 10.25 -15.06
CA SER B 147 6.93 9.69 -16.41
C SER B 147 5.48 9.52 -16.79
N ALA B 148 4.73 8.88 -15.92
CA ALA B 148 3.31 8.66 -16.16
C ALA B 148 2.64 10.01 -16.38
N ALA B 149 2.97 10.99 -15.53
CA ALA B 149 2.40 12.32 -15.64
C ALA B 149 2.54 12.86 -17.06
N CYS B 150 3.74 12.70 -17.63
CA CYS B 150 3.99 13.16 -19.00
C CYS B 150 3.27 12.26 -19.99
N LEU B 151 3.40 10.95 -19.81
CA LEU B 151 2.75 9.99 -20.70
C LEU B 151 1.25 10.17 -20.75
N ARG B 152 0.61 10.26 -19.59
CA ARG B 152 -0.83 10.43 -19.55
C ARG B 152 -1.16 11.84 -19.99
N GLY B 153 -0.31 12.79 -19.60
CA GLY B 153 -0.54 14.17 -19.96
C GLY B 153 -0.68 14.33 -21.46
N ILE B 154 0.13 13.60 -22.21
CA ILE B 154 0.06 13.66 -23.66
C ILE B 154 -1.16 12.91 -24.18
N GLU B 155 -1.38 11.72 -23.62
CA GLU B 155 -2.49 10.87 -24.02
C GLU B 155 -3.83 11.58 -24.05
N ILE B 156 -4.16 12.27 -22.95
CA ILE B 156 -5.43 12.98 -22.85
C ILE B 156 -5.35 14.36 -23.49
N GLU B 157 -4.23 14.65 -24.12
CA GLU B 157 -4.01 15.95 -24.75
C GLU B 157 -4.16 17.13 -23.77
N ALA B 158 -3.65 16.97 -22.55
CA ALA B 158 -3.73 18.04 -21.56
C ALA B 158 -3.00 19.29 -22.06
N ASN B 159 -3.38 20.47 -21.58
CA ASN B 159 -2.73 21.70 -22.00
C ASN B 159 -1.36 21.89 -21.34
N VAL B 160 -1.17 21.26 -20.20
CA VAL B 160 0.10 21.39 -19.51
C VAL B 160 0.13 20.38 -18.40
N VAL B 161 1.33 20.04 -17.94
CA VAL B 161 1.49 19.11 -16.84
C VAL B 161 1.92 19.96 -15.66
N LEU B 162 1.10 19.99 -14.61
CA LEU B 162 1.45 20.76 -13.42
C LEU B 162 2.06 19.81 -12.42
N LYS B 163 3.36 19.88 -12.23
CA LYS B 163 4.01 19.01 -11.26
C LYS B 163 3.91 19.64 -9.88
N ALA B 164 3.07 19.06 -9.02
CA ALA B 164 2.90 19.58 -7.67
C ALA B 164 3.91 18.94 -6.71
N THR B 165 4.92 19.73 -6.30
CA THR B 165 5.96 19.24 -5.40
C THR B 165 5.84 19.85 -4.00
N LYS B 166 6.92 19.75 -3.23
CA LYS B 166 6.98 20.27 -1.87
C LYS B 166 7.68 21.62 -1.79
N VAL B 167 8.26 22.07 -2.90
CA VAL B 167 8.98 23.34 -2.94
C VAL B 167 8.37 24.29 -3.98
N ASP B 168 8.65 25.57 -3.83
CA ASP B 168 8.10 26.58 -4.73
C ASP B 168 8.39 26.39 -6.22
N GLY B 169 9.45 25.66 -6.54
CA GLY B 169 9.77 25.45 -7.94
C GLY B 169 11.01 24.63 -8.13
N VAL B 170 11.46 24.55 -9.37
CA VAL B 170 12.66 23.81 -9.70
C VAL B 170 13.85 24.56 -9.12
N PHE B 171 14.62 23.91 -8.24
CA PHE B 171 15.80 24.54 -7.64
C PHE B 171 17.11 23.98 -8.21
N THR B 172 18.23 24.61 -7.84
CA THR B 172 19.53 24.15 -8.30
C THR B 172 19.95 22.93 -7.47
N ALA B 173 19.17 22.64 -6.44
CA ALA B 173 19.42 21.51 -5.55
C ALA B 173 18.29 21.41 -4.53
N ASP B 174 18.37 20.42 -3.64
CA ASP B 174 17.34 20.24 -2.62
C ASP B 174 17.44 21.41 -1.62
N PRO B 175 16.50 22.37 -1.71
CA PRO B 175 16.51 23.52 -0.82
C PRO B 175 16.49 23.17 0.67
N ALA B 176 16.22 21.91 0.97
CA ALA B 176 16.18 21.48 2.36
C ALA B 176 17.54 20.93 2.82
N LYS B 177 18.44 20.71 1.86
CA LYS B 177 19.76 20.18 2.18
C LYS B 177 20.90 21.09 1.76
N ASP B 178 20.71 21.84 0.69
CA ASP B 178 21.77 22.73 0.20
C ASP B 178 21.37 24.18 0.39
N PRO B 179 21.99 24.88 1.35
CA PRO B 179 21.67 26.29 1.59
C PRO B 179 21.84 27.13 0.34
N THR B 180 22.71 26.68 -0.55
CA THR B 180 22.99 27.37 -1.81
C THR B 180 22.12 26.75 -2.91
N ALA B 181 20.80 26.88 -2.77
CA ALA B 181 19.88 26.32 -3.76
C ALA B 181 18.83 27.32 -4.18
N THR B 182 18.99 27.87 -5.38
CA THR B 182 18.05 28.85 -5.91
C THR B 182 17.12 28.18 -6.90
N MET B 183 15.96 28.78 -7.12
CA MET B 183 15.01 28.21 -8.07
C MET B 183 14.86 29.18 -9.21
N TYR B 184 14.46 28.67 -10.37
CA TYR B 184 14.26 29.53 -11.53
C TYR B 184 12.77 29.74 -11.72
N GLU B 185 12.42 30.62 -12.66
CA GLU B 185 11.02 30.90 -12.91
C GLU B 185 10.70 30.68 -14.38
N GLN B 186 11.75 30.41 -15.17
CA GLN B 186 11.59 30.16 -16.59
C GLN B 186 12.71 29.27 -17.09
N LEU B 187 12.35 28.30 -17.90
CA LEU B 187 13.30 27.37 -18.44
C LEU B 187 12.80 26.79 -19.74
N THR B 188 13.75 26.43 -20.60
CA THR B 188 13.43 25.82 -21.87
C THR B 188 13.86 24.39 -21.66
N TYR B 189 13.24 23.45 -22.36
CA TYR B 189 13.62 22.06 -22.19
C TYR B 189 15.14 22.02 -22.33
N SER B 190 15.65 22.98 -23.10
CA SER B 190 17.09 23.12 -23.35
C SER B 190 17.82 23.48 -22.07
N GLU B 191 17.62 24.70 -21.59
CA GLU B 191 18.25 25.17 -20.37
C GLU B 191 18.28 24.09 -19.31
N VAL B 192 17.13 23.49 -19.02
CA VAL B 192 17.05 22.43 -18.03
C VAL B 192 18.20 21.45 -18.24
N LEU B 193 18.47 21.13 -19.49
CA LEU B 193 19.53 20.21 -19.85
C LEU B 193 20.90 20.88 -19.84
N GLU B 194 21.01 22.02 -20.52
CA GLU B 194 22.26 22.79 -20.59
C GLU B 194 22.59 23.44 -19.25
N LYS B 195 21.99 22.89 -18.19
CA LYS B 195 22.19 23.35 -16.82
C LYS B 195 22.02 22.11 -15.94
N GLU B 196 21.38 21.10 -16.52
CA GLU B 196 21.14 19.84 -15.84
C GLU B 196 20.48 20.04 -14.48
N LEU B 197 19.31 20.67 -14.51
CA LEU B 197 18.54 20.96 -13.29
C LEU B 197 17.64 19.80 -12.87
N LYS B 198 17.15 19.88 -11.64
CA LYS B 198 16.27 18.86 -11.04
C LYS B 198 14.78 19.12 -11.30
N VAL B 199 14.28 18.57 -12.40
CA VAL B 199 12.87 18.72 -12.78
C VAL B 199 12.12 17.39 -12.71
N MET B 200 12.69 16.36 -13.32
CA MET B 200 12.10 15.03 -13.34
C MET B 200 13.22 14.03 -13.63
N ASP B 201 12.99 13.17 -14.61
CA ASP B 201 13.97 12.17 -15.03
C ASP B 201 13.92 12.16 -16.55
N LEU B 202 15.02 12.59 -17.17
CA LEU B 202 15.14 12.69 -18.63
C LEU B 202 14.07 11.97 -19.43
N ALA B 203 13.81 10.71 -19.11
CA ALA B 203 12.80 9.92 -19.81
C ALA B 203 11.46 10.65 -19.88
N ALA B 204 10.99 11.15 -18.75
CA ALA B 204 9.72 11.87 -18.70
C ALA B 204 9.85 13.25 -19.36
N PHE B 205 10.93 13.96 -19.03
CA PHE B 205 11.21 15.28 -19.55
C PHE B 205 11.24 15.25 -21.08
N THR B 206 12.10 14.39 -21.62
CA THR B 206 12.23 14.24 -23.06
C THR B 206 10.86 14.08 -23.67
N LEU B 207 10.08 13.18 -23.09
CA LEU B 207 8.74 12.90 -23.55
C LEU B 207 7.94 14.19 -23.77
N ALA B 208 7.86 15.01 -22.72
CA ALA B 208 7.13 16.27 -22.80
C ALA B 208 7.76 17.18 -23.86
N ARG B 209 9.09 17.25 -23.88
CA ARG B 209 9.75 18.08 -24.86
C ARG B 209 9.37 17.57 -26.24
N ASP B 210 9.44 16.25 -26.41
CA ASP B 210 9.10 15.63 -27.67
C ASP B 210 7.79 16.18 -28.21
N HIS B 211 6.75 16.18 -27.37
CA HIS B 211 5.44 16.65 -27.80
C HIS B 211 5.09 18.10 -27.42
N LYS B 212 6.11 18.94 -27.26
CA LYS B 212 5.88 20.35 -26.90
C LYS B 212 4.84 20.47 -25.79
N LEU B 213 5.01 19.66 -24.74
CA LEU B 213 4.09 19.67 -23.61
C LEU B 213 4.67 20.52 -22.48
N PRO B 214 4.17 21.74 -22.30
CA PRO B 214 4.68 22.60 -21.23
C PRO B 214 4.54 21.99 -19.85
N ILE B 215 5.41 22.41 -18.93
CA ILE B 215 5.39 21.90 -17.58
C ILE B 215 5.60 23.06 -16.63
N ARG B 216 4.85 23.05 -15.54
CA ARG B 216 4.94 24.09 -14.53
C ARG B 216 5.08 23.39 -13.19
N VAL B 217 6.16 23.71 -12.47
CA VAL B 217 6.44 23.11 -11.15
C VAL B 217 6.04 24.10 -10.07
N PHE B 218 5.20 23.68 -9.14
CA PHE B 218 4.73 24.56 -8.08
C PHE B 218 4.60 23.81 -6.74
N ASN B 219 4.39 24.56 -5.66
CA ASN B 219 4.25 23.96 -4.33
C ASN B 219 2.79 23.72 -3.95
N MET B 220 2.46 22.49 -3.53
CA MET B 220 1.09 22.22 -3.16
C MET B 220 0.91 22.42 -1.65
N ASN B 221 2.01 22.60 -0.94
CA ASN B 221 1.93 22.84 0.49
C ASN B 221 1.61 24.31 0.68
N LYS B 222 1.41 25.02 -0.43
CA LYS B 222 1.05 26.44 -0.39
C LYS B 222 -0.42 26.55 -0.78
N PRO B 223 -1.32 26.75 0.20
CA PRO B 223 -2.76 26.86 -0.08
C PRO B 223 -3.04 27.89 -1.16
N GLY B 224 -3.79 27.49 -2.18
CA GLY B 224 -4.14 28.41 -3.25
C GLY B 224 -3.13 28.45 -4.38
N ALA B 225 -1.98 27.82 -4.17
CA ALA B 225 -0.94 27.83 -5.20
C ALA B 225 -1.47 27.36 -6.57
N LEU B 226 -2.12 26.20 -6.58
CA LEU B 226 -2.67 25.62 -7.78
C LEU B 226 -3.56 26.58 -8.56
N ARG B 227 -4.54 27.16 -7.89
CA ARG B 227 -5.47 28.09 -8.52
C ARG B 227 -4.74 29.21 -9.24
N ARG B 228 -3.71 29.77 -8.59
CA ARG B 228 -2.95 30.86 -9.19
C ARG B 228 -2.31 30.42 -10.51
N VAL B 229 -1.84 29.18 -10.55
CA VAL B 229 -1.23 28.66 -11.76
C VAL B 229 -2.30 28.64 -12.85
N VAL B 230 -3.46 28.12 -12.46
CA VAL B 230 -4.62 28.00 -13.31
C VAL B 230 -5.11 29.36 -13.79
N MET B 231 -4.91 30.38 -12.98
CA MET B 231 -5.35 31.72 -13.34
C MET B 231 -4.23 32.50 -13.99
N GLY B 232 -3.16 31.79 -14.32
CA GLY B 232 -2.03 32.43 -14.96
C GLY B 232 -1.48 33.57 -14.13
N GLU B 233 -0.95 33.24 -12.96
CA GLU B 233 -0.38 34.23 -12.07
C GLU B 233 0.98 33.71 -11.63
N LYS B 234 1.91 34.64 -11.44
CA LYS B 234 3.28 34.34 -11.02
C LYS B 234 3.33 33.23 -9.97
N GLU B 235 3.60 32.00 -10.41
CA GLU B 235 3.69 30.86 -9.50
C GLU B 235 4.56 29.75 -10.06
N GLY B 236 5.45 29.23 -9.21
CA GLY B 236 6.35 28.15 -9.60
C GLY B 236 7.24 28.43 -10.79
N THR B 237 7.77 27.36 -11.37
CA THR B 237 8.66 27.44 -12.53
C THR B 237 7.99 26.92 -13.79
N LEU B 238 8.13 27.66 -14.89
CA LEU B 238 7.53 27.25 -16.16
C LEU B 238 8.59 26.64 -17.09
N ILE B 239 8.28 25.47 -17.62
CA ILE B 239 9.18 24.76 -18.52
C ILE B 239 8.52 24.59 -19.88
N THR B 240 9.03 25.30 -20.87
CA THR B 240 8.51 25.24 -22.24
C THR B 240 9.68 25.19 -23.22
N GLU B 241 9.35 25.09 -24.50
CA GLU B 241 10.39 25.06 -25.51
C GLU B 241 11.02 26.45 -25.58
#